data_3GUC
#
_entry.id   3GUC
#
_cell.length_a   77.394
_cell.length_b   77.394
_cell.length_c   205.892
_cell.angle_alpha   90.00
_cell.angle_beta   90.00
_cell.angle_gamma   120.00
#
_symmetry.space_group_name_H-M   'P 32 2 1'
#
loop_
_entity.id
_entity.type
_entity.pdbx_description
1 polymer 'Ubiquitin-like modifier-activating enzyme 5'
2 non-polymer 'ZINC ION'
3 non-polymer 'PHOSPHOAMINOPHOSPHONIC ACID-ADENYLATE ESTER'
4 water water
#
_entity_poly.entity_id   1
_entity_poly.type   'polypeptide(L)'
_entity_poly.pdbx_seq_one_letter_code
;MGSSHHHHHHSSGLVPRGSMALKRMGIVSDYEKIRTFAVAIVGVGGVGSVTAEMLTRCGIGKLLLFDYDKVELANMNRLF
FQPHQAGLSKVQAAEHTLRNINPDVLFEVHNYNITTVENFQHFMDRISNGGLEEGKPVDLVLSCVDNFEARMTINTACNE
LGQTWMESGVSENAVSGHIQLIIPGESACFACAPPLVVAANIDEKTLKREGVCAASLPTTMGVVAGILVQNVLKFLLNFG
TVSFYLGYNAMQDFFPTMSMKPNPQCDDRNCRKQQEEYKKKVAALPKQEVIQ
;
_entity_poly.pdbx_strand_id   A,B
#
# COMPACT_ATOMS: atom_id res chain seq x y z
N GLU A 32 19.58 -7.28 -6.45
CA GLU A 32 20.89 -7.87 -6.05
C GLU A 32 20.89 -8.48 -4.64
N LYS A 33 21.25 -7.69 -3.63
CA LYS A 33 21.42 -8.14 -2.25
C LYS A 33 20.17 -8.83 -1.66
N ILE A 34 18.99 -8.43 -2.11
CA ILE A 34 17.75 -8.98 -1.62
C ILE A 34 17.58 -10.45 -1.95
N ARG A 35 18.27 -10.89 -3.02
CA ARG A 35 18.31 -12.28 -3.46
C ARG A 35 19.00 -13.18 -2.41
N THR A 36 19.72 -12.59 -1.46
CA THR A 36 20.46 -13.36 -0.49
C THR A 36 19.67 -13.63 0.80
N PHE A 37 18.38 -13.32 0.80
CA PHE A 37 17.61 -13.44 2.04
C PHE A 37 16.42 -14.38 1.94
N ALA A 38 16.10 -14.96 3.09
CA ALA A 38 14.95 -15.83 3.22
C ALA A 38 13.92 -15.23 4.20
N VAL A 39 12.63 -15.30 3.85
CA VAL A 39 11.58 -14.69 4.67
C VAL A 39 10.49 -15.74 4.88
N ALA A 40 10.03 -15.90 6.11
CA ALA A 40 8.91 -16.82 6.38
C ALA A 40 7.64 -16.01 6.54
N ILE A 41 6.59 -16.45 5.87
CA ILE A 41 5.33 -15.72 5.95
C ILE A 41 4.33 -16.69 6.50
N VAL A 42 3.75 -16.36 7.66
CA VAL A 42 2.69 -17.19 8.24
C VAL A 42 1.34 -16.54 7.98
N GLY A 43 0.52 -17.23 7.21
CA GLY A 43 -0.79 -16.76 6.86
C GLY A 43 -0.74 -16.14 5.49
N VAL A 44 -1.29 -16.86 4.52
CA VAL A 44 -1.25 -16.47 3.13
C VAL A 44 -2.64 -15.97 2.74
N GLY A 45 -3.31 -15.30 3.67
CA GLY A 45 -4.59 -14.70 3.40
C GLY A 45 -4.39 -13.36 2.74
N GLY A 46 -5.23 -12.40 3.14
CA GLY A 46 -5.22 -11.08 2.57
C GLY A 46 -3.85 -10.45 2.51
N VAL A 47 -3.32 -10.02 3.67
CA VAL A 47 -2.09 -9.25 3.66
C VAL A 47 -0.93 -10.15 3.33
N GLY A 48 -1.01 -11.40 3.79
CA GLY A 48 0.01 -12.38 3.50
C GLY A 48 0.21 -12.61 2.02
N SER A 49 -0.86 -12.80 1.25
CA SER A 49 -0.70 -13.02 -0.21
C SER A 49 -0.13 -11.79 -0.93
N VAL A 50 -0.67 -10.61 -0.65
CA VAL A 50 -0.10 -9.39 -1.24
C VAL A 50 1.38 -9.29 -0.89
N THR A 51 1.71 -9.53 0.38
CA THR A 51 3.09 -9.44 0.84
C THR A 51 3.99 -10.46 0.11
N ALA A 52 3.52 -11.70 0.00
CA ALA A 52 4.28 -12.74 -0.66
C ALA A 52 4.54 -12.34 -2.09
N GLU A 53 3.51 -11.82 -2.74
CA GLU A 53 3.60 -11.37 -4.14
C GLU A 53 4.61 -10.25 -4.35
N MET A 54 4.58 -9.23 -3.49
CA MET A 54 5.52 -8.13 -3.60
C MET A 54 6.95 -8.57 -3.40
N LEU A 55 7.18 -9.43 -2.42
CA LEU A 55 8.52 -9.92 -2.10
C LEU A 55 9.08 -10.77 -3.25
N THR A 56 8.19 -11.56 -3.86
CA THR A 56 8.52 -12.39 -4.99
C THR A 56 8.92 -11.51 -6.18
N ARG A 57 8.15 -10.43 -6.39
CA ARG A 57 8.45 -9.50 -7.47
C ARG A 57 9.75 -8.75 -7.22
N CYS A 58 10.10 -8.50 -5.95
CA CYS A 58 11.38 -7.90 -5.56
C CYS A 58 12.59 -8.83 -5.80
N GLY A 59 12.34 -10.12 -5.96
CA GLY A 59 13.43 -11.09 -6.09
C GLY A 59 14.02 -11.57 -4.77
N ILE A 60 13.19 -11.71 -3.74
CA ILE A 60 13.62 -12.32 -2.46
C ILE A 60 14.21 -13.69 -2.76
N GLY A 61 15.24 -14.09 -2.03
CA GLY A 61 15.90 -15.34 -2.33
C GLY A 61 14.94 -16.51 -2.11
N LYS A 62 14.24 -16.51 -0.96
CA LYS A 62 13.38 -17.62 -0.61
C LYS A 62 12.17 -17.18 0.22
N LEU A 63 11.03 -17.82 -0.03
CA LEU A 63 9.82 -17.64 0.76
C LEU A 63 9.43 -18.97 1.35
N LEU A 64 9.25 -18.99 2.66
CA LEU A 64 8.60 -20.10 3.32
C LEU A 64 7.20 -19.66 3.63
N LEU A 65 6.23 -20.47 3.25
CA LEU A 65 4.84 -20.12 3.41
C LEU A 65 4.18 -21.12 4.33
N PHE A 66 3.51 -20.61 5.37
CA PHE A 66 2.78 -21.48 6.29
C PHE A 66 1.33 -21.05 6.35
N ASP A 67 0.42 -22.00 6.26
CA ASP A 67 -1.03 -21.74 6.42
C ASP A 67 -1.71 -23.08 6.59
N TYR A 68 -2.99 -23.12 6.96
CA TYR A 68 -3.64 -24.39 7.19
C TYR A 68 -5.04 -24.59 6.59
N ASP A 69 -5.60 -23.60 5.90
CA ASP A 69 -6.84 -23.94 5.19
C ASP A 69 -6.70 -23.95 3.66
N LYS A 70 -7.82 -24.15 2.97
CA LYS A 70 -7.83 -24.27 1.51
C LYS A 70 -8.51 -23.07 0.82
N VAL A 71 -8.29 -22.93 -0.48
CA VAL A 71 -8.92 -21.88 -1.28
C VAL A 71 -10.44 -22.08 -1.32
N GLU A 72 -11.16 -21.05 -0.87
CA GLU A 72 -12.59 -21.10 -0.65
C GLU A 72 -13.28 -19.84 -1.17
N PHE A 81 -6.08 -14.47 -5.03
CA PHE A 81 -6.30 -15.83 -5.52
C PHE A 81 -7.18 -15.89 -6.77
N GLN A 82 -7.20 -17.05 -7.43
CA GLN A 82 -7.98 -17.26 -8.66
C GLN A 82 -8.94 -18.46 -8.54
N PRO A 83 -10.24 -18.26 -8.86
CA PRO A 83 -11.35 -19.19 -8.60
C PRO A 83 -11.15 -20.70 -8.87
N HIS A 84 -10.24 -21.07 -9.79
CA HIS A 84 -10.03 -22.48 -10.15
C HIS A 84 -9.15 -23.28 -9.16
N GLN A 85 -8.57 -22.58 -8.18
CA GLN A 85 -7.78 -23.20 -7.12
C GLN A 85 -8.64 -23.58 -5.88
N ALA A 86 -9.97 -23.48 -6.04
CA ALA A 86 -10.93 -23.71 -4.94
C ALA A 86 -10.96 -25.19 -4.49
N GLY A 87 -10.17 -25.48 -3.47
CA GLY A 87 -10.01 -26.85 -2.99
C GLY A 87 -8.56 -27.19 -2.69
N LEU A 88 -7.63 -26.62 -3.46
CA LEU A 88 -6.19 -26.73 -3.19
C LEU A 88 -5.84 -26.03 -1.89
N SER A 89 -4.84 -26.52 -1.18
CA SER A 89 -4.36 -25.84 0.01
C SER A 89 -3.99 -24.43 -0.40
N LYS A 90 -4.17 -23.48 0.54
CA LYS A 90 -3.77 -22.10 0.31
C LYS A 90 -2.31 -22.00 -0.01
N VAL A 91 -1.47 -22.80 0.64
CA VAL A 91 -0.03 -22.63 0.42
C VAL A 91 0.45 -23.12 -0.96
N GLN A 92 -0.09 -24.23 -1.45
CA GLN A 92 0.36 -24.73 -2.74
C GLN A 92 -0.22 -23.92 -3.90
N ALA A 93 -1.44 -23.39 -3.72
CA ALA A 93 -2.04 -22.43 -4.64
C ALA A 93 -1.21 -21.15 -4.79
N ALA A 94 -0.80 -20.57 -3.66
CA ALA A 94 -0.01 -19.36 -3.68
C ALA A 94 1.33 -19.66 -4.36
N GLU A 95 1.92 -20.80 -4.03
CA GLU A 95 3.19 -21.24 -4.63
C GLU A 95 3.13 -21.34 -6.15
N HIS A 96 2.04 -21.90 -6.68
CA HIS A 96 1.86 -22.01 -8.12
C HIS A 96 1.83 -20.62 -8.77
N THR A 97 0.99 -19.73 -8.23
CA THR A 97 0.88 -18.36 -8.69
C THR A 97 2.25 -17.63 -8.62
N LEU A 98 2.90 -17.65 -7.46
CA LEU A 98 4.17 -16.92 -7.25
C LEU A 98 5.33 -17.43 -8.13
N ARG A 99 5.47 -18.75 -8.23
CA ARG A 99 6.47 -19.37 -9.10
C ARG A 99 6.30 -18.87 -10.52
N ASN A 100 5.06 -18.87 -11.01
CA ASN A 100 4.74 -18.29 -12.32
C ASN A 100 5.14 -16.82 -12.45
N ILE A 101 5.06 -16.08 -11.34
CA ILE A 101 5.43 -14.68 -11.35
C ILE A 101 6.92 -14.49 -11.37
N ASN A 102 7.62 -15.25 -10.53
CA ASN A 102 9.07 -15.17 -10.50
C ASN A 102 9.67 -16.54 -10.19
N PRO A 103 10.02 -17.31 -11.26
CA PRO A 103 10.55 -18.65 -11.14
C PRO A 103 11.85 -18.74 -10.36
N ASP A 104 12.57 -17.61 -10.24
CA ASP A 104 13.85 -17.60 -9.51
C ASP A 104 13.78 -17.64 -7.98
N VAL A 105 12.62 -17.36 -7.41
CA VAL A 105 12.50 -17.41 -5.95
C VAL A 105 12.24 -18.84 -5.55
N LEU A 106 12.92 -19.25 -4.49
CA LEU A 106 12.82 -20.60 -3.96
C LEU A 106 11.64 -20.57 -3.01
N PHE A 107 10.77 -21.58 -3.10
CA PHE A 107 9.61 -21.71 -2.23
C PHE A 107 9.66 -22.99 -1.42
N GLU A 108 9.38 -22.85 -0.12
CA GLU A 108 9.14 -23.98 0.72
C GLU A 108 7.80 -23.73 1.46
N VAL A 109 6.89 -24.69 1.32
CA VAL A 109 5.52 -24.52 1.83
C VAL A 109 5.13 -25.62 2.81
N HIS A 110 4.30 -25.26 3.78
CA HIS A 110 3.78 -26.18 4.79
C HIS A 110 2.33 -25.85 5.08
N ASN A 111 1.53 -26.91 5.12
CA ASN A 111 0.09 -26.87 5.29
C ASN A 111 -0.31 -27.57 6.59
N TYR A 112 0.11 -27.03 7.72
CA TYR A 112 -0.27 -27.58 9.03
C TYR A 112 -0.67 -26.49 10.01
N ASN A 113 -1.35 -26.89 11.08
CA ASN A 113 -1.74 -25.93 12.11
C ASN A 113 -0.63 -25.73 13.15
N ILE A 114 0.07 -24.60 13.10
CA ILE A 114 1.22 -24.37 13.99
C ILE A 114 0.88 -24.30 15.52
N THR A 115 -0.40 -24.27 15.88
CA THR A 115 -0.79 -24.13 17.32
C THR A 115 -0.86 -25.45 18.08
N THR A 116 -0.46 -26.50 17.40
CA THR A 116 -0.32 -27.81 17.92
C THR A 116 1.18 -27.98 18.26
N VAL A 117 1.48 -28.57 19.40
CA VAL A 117 2.87 -28.80 19.85
C VAL A 117 3.70 -29.55 18.81
N GLU A 118 3.16 -30.63 18.25
CA GLU A 118 3.88 -31.40 17.23
C GLU A 118 4.24 -30.55 15.99
N ASN A 119 3.28 -29.78 15.49
CA ASN A 119 3.49 -28.93 14.31
C ASN A 119 4.33 -27.72 14.63
N PHE A 120 4.24 -27.26 15.86
CA PHE A 120 5.07 -26.17 16.39
C PHE A 120 6.55 -26.55 16.39
N GLN A 121 6.86 -27.82 16.71
CA GLN A 121 8.23 -28.34 16.56
C GLN A 121 8.76 -28.22 15.12
N HIS A 122 7.95 -28.64 14.14
CA HIS A 122 8.30 -28.54 12.71
C HIS A 122 8.52 -27.06 12.39
N PHE A 123 7.59 -26.22 12.84
CA PHE A 123 7.68 -24.78 12.59
C PHE A 123 8.99 -24.16 13.11
N MET A 124 9.32 -24.43 14.37
CA MET A 124 10.61 -24.02 14.90
C MET A 124 11.79 -24.56 14.10
N ASP A 125 11.70 -25.83 13.66
CA ASP A 125 12.76 -26.42 12.82
C ASP A 125 12.97 -25.61 11.55
N ARG A 126 11.88 -25.20 10.90
CA ARG A 126 12.07 -24.52 9.60
C ARG A 126 12.50 -23.08 9.78
N ILE A 127 12.11 -22.45 10.89
CA ILE A 127 12.61 -21.13 11.22
C ILE A 127 14.09 -21.12 11.59
N SER A 128 14.57 -22.15 12.31
CA SER A 128 15.99 -22.20 12.67
C SER A 128 16.89 -22.64 11.50
N ASN A 129 16.32 -23.41 10.56
CA ASN A 129 17.12 -24.12 9.56
C ASN A 129 16.69 -23.92 8.10
N GLY A 130 15.55 -23.28 7.86
CA GLY A 130 15.01 -23.11 6.52
C GLY A 130 15.47 -21.84 5.82
N GLY A 131 16.58 -21.28 6.27
CA GLY A 131 17.19 -20.15 5.59
C GLY A 131 17.67 -20.49 4.19
N LEU A 132 18.16 -19.47 3.49
CA LEU A 132 18.59 -19.63 2.11
C LEU A 132 19.58 -20.77 2.00
N GLU A 133 20.56 -20.77 2.90
CA GLU A 133 21.41 -21.90 3.12
C GLU A 133 20.77 -22.78 4.21
N GLU A 134 20.52 -24.05 3.88
CA GLU A 134 19.97 -25.00 4.83
C GLU A 134 20.83 -25.12 6.10
N GLY A 135 20.18 -25.02 7.26
CA GLY A 135 20.85 -25.14 8.55
C GLY A 135 21.12 -23.77 9.14
N LYS A 136 20.77 -22.73 8.38
CA LYS A 136 20.85 -21.36 8.87
C LYS A 136 19.45 -20.79 9.11
N PRO A 137 19.33 -19.86 10.06
CA PRO A 137 18.01 -19.30 10.24
C PRO A 137 17.49 -18.49 9.06
N VAL A 138 16.18 -18.50 8.95
CA VAL A 138 15.42 -17.56 8.16
C VAL A 138 15.77 -16.12 8.63
N ASP A 139 15.84 -15.18 7.70
CA ASP A 139 16.23 -13.81 8.10
C ASP A 139 15.12 -13.00 8.77
N LEU A 140 13.86 -13.33 8.47
CA LEU A 140 12.75 -12.61 9.06
C LEU A 140 11.54 -13.52 8.98
N VAL A 141 10.71 -13.43 10.01
CA VAL A 141 9.42 -14.05 9.99
C VAL A 141 8.38 -12.94 9.96
N LEU A 142 7.37 -13.14 9.12
CA LEU A 142 6.28 -12.20 9.04
C LEU A 142 5.00 -12.92 9.42
N SER A 143 4.32 -12.40 10.43
CA SER A 143 3.00 -12.91 10.83
C SER A 143 1.91 -12.12 10.14
N CYS A 144 1.16 -12.81 9.30
CA CYS A 144 0.04 -12.24 8.59
C CYS A 144 -1.19 -13.09 8.85
N VAL A 145 -1.24 -13.71 10.02
CA VAL A 145 -2.44 -14.47 10.46
C VAL A 145 -3.53 -13.55 11.00
N ASP A 146 -4.74 -14.10 11.12
CA ASP A 146 -5.90 -13.32 11.57
C ASP A 146 -6.30 -13.53 13.02
N ASN A 147 -5.48 -14.20 13.82
CA ASN A 147 -5.96 -14.50 15.17
C ASN A 147 -4.87 -14.50 16.18
N PHE A 148 -5.29 -14.28 17.42
CA PHE A 148 -4.42 -14.03 18.52
C PHE A 148 -3.59 -15.29 18.84
N GLU A 149 -4.23 -16.46 18.83
CA GLU A 149 -3.57 -17.71 19.21
C GLU A 149 -2.40 -18.00 18.30
N ALA A 150 -2.59 -17.84 17.00
CA ALA A 150 -1.50 -18.08 16.06
C ALA A 150 -0.41 -17.02 16.26
N ARG A 151 -0.81 -15.78 16.52
CA ARG A 151 0.17 -14.72 16.82
C ARG A 151 0.99 -15.01 18.06
N MET A 152 0.31 -15.41 19.13
CA MET A 152 1.02 -15.81 20.36
C MET A 152 1.92 -17.04 20.10
N THR A 153 1.45 -17.95 19.25
CA THR A 153 2.26 -19.12 18.88
C THR A 153 3.56 -18.72 18.19
N ILE A 154 3.45 -17.86 17.17
CA ILE A 154 4.63 -17.34 16.51
C ILE A 154 5.55 -16.64 17.52
N ASN A 155 4.96 -15.91 18.47
CA ASN A 155 5.71 -15.20 19.50
C ASN A 155 6.49 -16.16 20.40
N THR A 156 5.86 -17.24 20.79
CA THR A 156 6.50 -18.23 21.65
C THR A 156 7.75 -18.82 20.96
N ALA A 157 7.63 -19.06 19.67
CA ALA A 157 8.74 -19.63 18.88
C ALA A 157 9.86 -18.62 18.76
N CYS A 158 9.52 -17.40 18.40
CA CYS A 158 10.53 -16.39 18.18
C CYS A 158 11.33 -16.00 19.42
N ASN A 159 10.68 -15.90 20.58
CA ASN A 159 11.39 -15.70 21.86
C ASN A 159 12.30 -16.89 22.19
N GLU A 160 11.82 -18.12 21.99
CA GLU A 160 12.69 -19.27 22.22
C GLU A 160 13.92 -19.15 21.32
N LEU A 161 13.73 -18.78 20.06
CA LEU A 161 14.84 -18.81 19.10
C LEU A 161 15.64 -17.53 19.04
N GLY A 162 15.14 -16.44 19.63
CA GLY A 162 15.72 -15.12 19.40
C GLY A 162 15.57 -14.68 17.93
N GLN A 163 14.42 -14.95 17.36
CA GLN A 163 14.18 -14.61 15.96
C GLN A 163 13.38 -13.28 15.82
N THR A 164 13.97 -12.32 15.14
CA THR A 164 13.30 -11.07 14.83
C THR A 164 12.12 -11.35 13.89
N TRP A 165 11.02 -10.62 14.12
CA TRP A 165 9.83 -10.77 13.28
C TRP A 165 8.97 -9.54 13.23
N MET A 166 8.02 -9.55 12.29
CA MET A 166 7.11 -8.45 12.17
C MET A 166 5.69 -9.00 12.24
N GLU A 167 4.87 -8.38 13.08
CA GLU A 167 3.49 -8.85 13.27
C GLU A 167 2.60 -7.83 12.55
N SER A 168 1.71 -8.29 11.69
CA SER A 168 0.93 -7.38 10.88
C SER A 168 -0.52 -7.83 10.79
N GLY A 169 -1.39 -6.87 10.54
CA GLY A 169 -2.80 -7.20 10.54
C GLY A 169 -3.62 -6.12 9.89
N VAL A 170 -4.80 -6.52 9.45
CA VAL A 170 -5.80 -5.61 8.95
C VAL A 170 -7.07 -5.92 9.74
N SER A 171 -7.68 -4.87 10.29
CA SER A 171 -8.88 -5.00 11.10
C SER A 171 -10.09 -5.51 10.33
N GLU A 172 -11.03 -6.10 11.07
CA GLU A 172 -12.25 -6.62 10.50
C GLU A 172 -13.06 -5.50 9.85
N ASN A 173 -13.01 -4.31 10.45
CA ASN A 173 -13.69 -3.13 9.91
C ASN A 173 -13.14 -2.62 8.53
N ALA A 174 -12.04 -3.23 8.10
CA ALA A 174 -11.45 -2.96 6.79
C ALA A 174 -10.83 -1.58 6.58
N VAL A 175 -10.76 -0.76 7.63
CA VAL A 175 -10.31 0.63 7.47
C VAL A 175 -9.16 1.01 8.42
N SER A 176 -8.52 -0.01 8.98
CA SER A 176 -7.33 0.14 9.79
C SER A 176 -6.52 -1.13 9.76
N GLY A 177 -5.21 -0.99 9.98
CA GLY A 177 -4.26 -2.08 9.95
C GLY A 177 -3.03 -1.64 10.71
N HIS A 178 -2.05 -2.53 10.85
CA HIS A 178 -0.82 -2.15 11.57
C HIS A 178 0.33 -3.08 11.25
N ILE A 179 1.56 -2.64 11.53
CA ILE A 179 2.71 -3.50 11.54
C ILE A 179 3.53 -3.27 12.79
N GLN A 180 4.12 -4.33 13.32
CA GLN A 180 4.94 -4.20 14.50
C GLN A 180 6.24 -5.01 14.39
N LEU A 181 7.38 -4.39 14.73
CA LEU A 181 8.65 -5.11 14.68
C LEU A 181 8.98 -5.64 16.06
N ILE A 182 9.14 -6.96 16.17
CA ILE A 182 9.51 -7.59 17.44
C ILE A 182 10.94 -8.10 17.34
N ILE A 183 11.84 -7.50 18.12
CA ILE A 183 13.17 -8.02 18.30
C ILE A 183 13.21 -8.56 19.72
N PRO A 184 13.18 -9.89 19.91
CA PRO A 184 13.08 -10.43 21.28
C PRO A 184 14.26 -10.00 22.12
N GLY A 185 13.96 -9.40 23.27
CA GLY A 185 14.95 -8.89 24.21
C GLY A 185 15.16 -7.41 24.08
N GLU A 186 14.93 -6.89 22.87
CA GLU A 186 15.19 -5.47 22.57
C GLU A 186 13.92 -4.60 22.44
N SER A 187 12.85 -5.16 21.88
CA SER A 187 11.59 -4.45 21.81
C SER A 187 10.54 -5.36 22.39
N ALA A 188 9.40 -4.80 22.76
CA ALA A 188 8.28 -5.58 23.30
C ALA A 188 7.89 -6.77 22.43
N CYS A 189 7.59 -7.91 23.07
CA CYS A 189 7.16 -9.09 22.34
C CYS A 189 5.64 -9.04 22.34
N PHE A 190 4.99 -9.89 21.55
CA PHE A 190 3.52 -9.97 21.56
C PHE A 190 2.90 -10.22 22.95
N ALA A 191 3.68 -10.77 23.89
CA ALA A 191 3.13 -11.12 25.20
C ALA A 191 3.44 -10.08 26.25
N CYS A 192 4.35 -9.16 25.92
CA CYS A 192 4.74 -8.10 26.83
C CYS A 192 3.56 -7.23 27.29
N ALA A 193 2.55 -7.09 26.43
CA ALA A 193 1.34 -6.38 26.77
C ALA A 193 0.21 -6.95 25.92
N PRO A 194 -1.05 -6.68 26.30
CA PRO A 194 -2.19 -7.10 25.51
C PRO A 194 -2.19 -6.49 24.10
N PRO A 195 -3.05 -7.01 23.22
CA PRO A 195 -3.20 -6.53 21.86
C PRO A 195 -3.43 -5.01 21.80
N LEU A 196 -2.64 -4.36 20.96
CA LEU A 196 -2.85 -2.98 20.59
C LEU A 196 -3.91 -2.87 19.48
N VAL A 197 -4.72 -1.82 19.54
CA VAL A 197 -5.77 -1.57 18.54
C VAL A 197 -5.44 -0.20 17.90
N VAL A 198 -5.62 -0.08 16.59
CA VAL A 198 -5.52 1.24 15.97
C VAL A 198 -6.92 1.84 15.92
N ALA A 199 -7.09 3.00 16.55
CA ALA A 199 -8.42 3.58 16.80
C ALA A 199 -9.33 3.62 15.57
N ARG A 209 -21.78 0.78 6.61
CA ARG A 209 -22.13 0.44 5.23
C ARG A 209 -21.20 -0.65 4.67
N GLU A 210 -21.81 -1.76 4.22
CA GLU A 210 -21.10 -2.93 3.67
C GLU A 210 -20.24 -2.61 2.44
N GLY A 211 -20.75 -1.73 1.57
CA GLY A 211 -20.12 -1.40 0.30
C GLY A 211 -18.83 -0.63 0.51
N VAL A 212 -18.79 0.14 1.59
CA VAL A 212 -17.60 0.83 2.07
C VAL A 212 -16.50 -0.19 2.38
N CYS A 213 -16.80 -1.11 3.31
CA CYS A 213 -15.87 -2.16 3.72
C CYS A 213 -15.43 -3.07 2.56
N ALA A 214 -16.39 -3.53 1.76
CA ALA A 214 -16.10 -4.42 0.62
C ALA A 214 -15.12 -3.78 -0.37
N ALA A 215 -15.28 -2.48 -0.60
CA ALA A 215 -14.31 -1.68 -1.38
C ALA A 215 -13.01 -1.39 -0.62
N SER A 216 -13.13 -1.02 0.66
CA SER A 216 -11.93 -0.57 1.39
C SER A 216 -10.95 -1.70 1.70
N LEU A 217 -11.49 -2.85 2.06
CA LEU A 217 -10.70 -3.95 2.57
C LEU A 217 -9.52 -4.24 1.66
N PRO A 218 -9.77 -4.49 0.36
CA PRO A 218 -8.64 -4.83 -0.51
C PRO A 218 -7.61 -3.74 -0.49
N THR A 219 -8.06 -2.50 -0.45
CA THR A 219 -7.09 -1.43 -0.59
C THR A 219 -6.32 -1.16 0.70
N THR A 220 -6.98 -1.30 1.84
CA THR A 220 -6.26 -1.25 3.11
C THR A 220 -5.21 -2.40 3.17
N MET A 221 -5.56 -3.60 2.72
CA MET A 221 -4.57 -4.69 2.64
C MET A 221 -3.36 -4.29 1.81
N GLY A 222 -3.62 -3.65 0.67
CA GLY A 222 -2.56 -3.11 -0.19
C GLY A 222 -1.65 -2.14 0.53
N VAL A 223 -2.23 -1.24 1.31
CA VAL A 223 -1.44 -0.21 1.96
C VAL A 223 -0.57 -0.82 3.03
N VAL A 224 -1.18 -1.70 3.81
CA VAL A 224 -0.49 -2.33 4.92
C VAL A 224 0.62 -3.26 4.38
N ALA A 225 0.30 -4.11 3.39
CA ALA A 225 1.31 -4.98 2.75
C ALA A 225 2.48 -4.19 2.20
N GLY A 226 2.17 -3.06 1.55
CA GLY A 226 3.17 -2.18 0.94
C GLY A 226 4.10 -1.59 2.00
N ILE A 227 3.54 -1.04 3.06
CA ILE A 227 4.35 -0.52 4.16
C ILE A 227 5.10 -1.65 4.93
N LEU A 228 4.47 -2.82 5.09
CA LEU A 228 5.20 -4.00 5.61
C LEU A 228 6.43 -4.30 4.76
N VAL A 229 6.25 -4.44 3.45
CA VAL A 229 7.35 -4.80 2.54
C VAL A 229 8.45 -3.74 2.57
N GLN A 230 8.07 -2.46 2.62
CA GLN A 230 9.07 -1.40 2.66
C GLN A 230 9.91 -1.57 3.92
N ASN A 231 9.24 -1.92 5.00
CA ASN A 231 9.95 -2.16 6.22
C ASN A 231 10.84 -3.39 6.22
N VAL A 232 10.37 -4.46 5.55
CA VAL A 232 11.16 -5.66 5.35
C VAL A 232 12.44 -5.28 4.57
N LEU A 233 12.32 -4.47 3.51
CA LEU A 233 13.47 -4.09 2.69
C LEU A 233 14.42 -3.25 3.52
N LYS A 234 13.86 -2.31 4.28
CA LYS A 234 14.71 -1.41 5.10
C LYS A 234 15.45 -2.23 6.17
N PHE A 235 14.76 -3.20 6.76
CA PHE A 235 15.39 -4.09 7.75
C PHE A 235 16.46 -5.02 7.12
N LEU A 236 16.12 -5.67 6.01
CA LEU A 236 17.08 -6.61 5.40
C LEU A 236 18.28 -5.89 4.80
N LEU A 237 18.01 -4.78 4.11
CA LEU A 237 19.05 -4.09 3.37
C LEU A 237 19.72 -3.00 4.19
N ASN A 238 19.18 -2.70 5.36
CA ASN A 238 19.83 -1.76 6.26
C ASN A 238 19.98 -0.35 5.67
N PHE A 239 18.86 0.24 5.30
CA PHE A 239 18.86 1.65 4.90
C PHE A 239 17.62 2.25 5.54
N GLY A 240 17.63 3.57 5.72
CA GLY A 240 16.49 4.28 6.26
C GLY A 240 16.23 3.91 7.70
N THR A 241 15.00 4.13 8.16
CA THR A 241 14.64 3.83 9.53
C THR A 241 13.48 2.85 9.56
N VAL A 242 13.71 1.70 10.17
CA VAL A 242 12.66 0.70 10.36
C VAL A 242 11.72 1.15 11.48
N SER A 243 10.40 1.08 11.26
CA SER A 243 9.40 1.40 12.29
C SER A 243 9.20 0.22 13.21
N PHE A 244 9.21 0.46 14.54
CA PHE A 244 8.87 -0.59 15.47
C PHE A 244 7.38 -0.84 15.58
N TYR A 245 6.61 0.18 15.30
CA TYR A 245 5.18 0.08 15.30
C TYR A 245 4.65 1.19 14.40
N LEU A 246 3.76 0.81 13.49
CA LEU A 246 3.09 1.74 12.58
C LEU A 246 1.66 1.27 12.40
N GLY A 247 0.70 2.14 12.73
CA GLY A 247 -0.70 1.84 12.49
C GLY A 247 -1.15 2.62 11.28
N TYR A 248 -2.29 2.23 10.76
CA TYR A 248 -2.86 2.90 9.61
C TYR A 248 -4.34 2.97 9.85
N ASN A 249 -4.83 4.21 9.88
CA ASN A 249 -6.25 4.50 9.95
C ASN A 249 -6.61 5.04 8.58
N ALA A 250 -7.33 4.22 7.82
CA ALA A 250 -7.76 4.57 6.48
C ALA A 250 -8.80 5.66 6.40
N MET A 251 -9.61 5.82 7.45
CA MET A 251 -10.64 6.85 7.44
C MET A 251 -10.00 8.25 7.41
N GLN A 252 -8.93 8.40 8.17
CA GLN A 252 -8.32 9.72 8.34
C GLN A 252 -6.93 9.87 7.78
N ASP A 253 -6.42 8.88 7.06
CA ASP A 253 -5.04 8.96 6.55
C ASP A 253 -4.05 9.29 7.66
N PHE A 254 -4.24 8.62 8.80
CA PHE A 254 -3.39 8.75 9.98
C PHE A 254 -2.43 7.54 10.05
N PHE A 255 -1.13 7.80 10.28
CA PHE A 255 -0.12 6.77 10.30
C PHE A 255 0.69 6.81 11.60
N PRO A 256 0.03 6.55 12.75
CA PRO A 256 0.73 6.70 14.03
C PRO A 256 1.87 5.71 14.16
N THR A 257 2.98 6.19 14.73
CA THR A 257 4.20 5.46 14.79
C THR A 257 4.76 5.62 16.20
N MET A 258 5.36 4.55 16.71
CA MET A 258 5.96 4.55 18.01
C MET A 258 6.86 3.29 18.17
N SER A 259 7.48 3.14 19.33
CA SER A 259 8.01 1.84 19.72
C SER A 259 7.76 1.48 21.17
N MET A 260 7.85 0.18 21.46
CA MET A 260 7.58 -0.34 22.80
C MET A 260 8.78 -1.10 23.29
N LYS A 261 9.18 -0.77 24.51
CA LYS A 261 10.27 -1.43 25.15
C LYS A 261 9.75 -2.74 25.73
N PRO A 262 10.66 -3.68 25.98
CA PRO A 262 10.22 -4.93 26.60
C PRO A 262 9.67 -4.73 28.01
N ASN A 263 8.73 -5.60 28.37
CA ASN A 263 8.16 -5.66 29.69
C ASN A 263 9.00 -6.61 30.55
N PRO A 264 9.81 -6.08 31.51
CA PRO A 264 10.71 -6.89 32.35
C PRO A 264 10.00 -7.96 33.18
N GLN A 265 8.68 -7.85 33.30
CA GLN A 265 7.85 -8.90 33.89
C GLN A 265 6.99 -9.68 32.88
N CYS A 266 7.33 -9.67 31.59
CA CYS A 266 6.59 -10.46 30.58
C CYS A 266 6.31 -11.89 31.06
N ASP A 267 5.11 -12.39 30.80
CA ASP A 267 4.77 -13.79 31.06
C ASP A 267 5.67 -14.80 30.35
N ASP A 268 6.31 -14.38 29.27
CA ASP A 268 7.20 -15.24 28.52
C ASP A 268 8.61 -15.16 29.08
N ARG A 269 9.06 -16.27 29.65
CA ARG A 269 10.35 -16.30 30.31
C ARG A 269 11.49 -16.24 29.31
N ASN A 270 11.24 -16.74 28.10
CA ASN A 270 12.23 -16.57 27.03
C ASN A 270 12.37 -15.11 26.63
N CYS A 271 11.25 -14.38 26.63
CA CYS A 271 11.30 -12.91 26.48
C CYS A 271 12.19 -12.32 27.55
N ARG A 272 11.92 -12.64 28.80
CA ARG A 272 12.76 -12.15 29.92
C ARG A 272 14.24 -12.53 29.78
N LYS A 273 14.47 -13.79 29.41
CA LYS A 273 15.85 -14.27 29.24
C LYS A 273 16.53 -13.48 28.14
N GLN A 274 15.77 -13.29 27.06
CA GLN A 274 16.29 -12.59 25.91
C GLN A 274 16.62 -11.12 26.30
N GLN A 275 15.75 -10.49 27.10
CA GLN A 275 15.99 -9.15 27.65
C GLN A 275 17.29 -9.04 28.40
N GLU A 276 17.55 -10.01 29.28
CA GLU A 276 18.75 -9.93 30.10
C GLU A 276 19.99 -10.16 29.24
N GLU A 277 19.86 -11.00 28.22
CA GLU A 277 20.97 -11.21 27.27
C GLU A 277 21.25 -9.91 26.51
N TYR A 278 20.19 -9.23 26.11
CA TYR A 278 20.30 -7.91 25.47
C TYR A 278 20.86 -6.83 26.40
N LYS A 279 20.44 -6.83 27.65
CA LYS A 279 20.95 -5.86 28.64
C LYS A 279 22.43 -6.04 28.92
N LYS A 280 22.89 -7.29 28.90
CA LYS A 280 24.33 -7.60 28.94
C LYS A 280 25.05 -6.91 27.79
N LYS A 281 24.65 -7.25 26.56
CA LYS A 281 25.25 -6.70 25.34
C LYS A 281 25.47 -5.19 25.37
N VAL A 282 24.41 -4.43 25.60
CA VAL A 282 24.52 -2.95 25.59
C VAL A 282 25.34 -2.42 26.76
N ALA A 283 24.75 -2.40 27.96
CA ALA A 283 25.46 -2.01 29.21
C ALA A 283 25.90 -0.54 29.31
N ALA A 284 25.94 0.17 28.18
CA ALA A 284 26.18 1.62 28.19
C ALA A 284 25.09 2.39 27.43
N LEU A 285 24.14 2.96 28.19
CA LEU A 285 22.99 3.69 27.63
C LEU A 285 22.03 2.78 26.86
N GLN A 288 17.63 4.77 27.79
CA GLN A 288 16.45 4.22 27.11
C GLN A 288 15.17 4.42 27.94
N GLU A 289 14.58 5.61 27.81
CA GLU A 289 13.48 6.05 28.68
C GLU A 289 12.08 5.82 28.10
N VAL A 290 11.13 5.58 28.99
CA VAL A 290 9.73 5.53 28.62
C VAL A 290 9.10 6.90 28.81
N ILE A 291 8.03 7.16 28.04
CA ILE A 291 7.22 8.34 28.26
C ILE A 291 6.57 8.26 29.64
N GLN A 292 6.70 9.35 30.40
CA GLN A 292 6.34 9.41 31.81
C GLN A 292 4.87 9.75 32.01
N GLU B 32 -21.03 -1.84 -5.11
CA GLU B 32 -22.42 -1.62 -5.60
C GLU B 32 -22.62 -0.18 -6.11
N LYS B 33 -22.61 0.78 -5.19
CA LYS B 33 -22.68 2.20 -5.54
C LYS B 33 -21.46 2.62 -6.39
N ILE B 34 -20.31 2.02 -6.09
CA ILE B 34 -19.09 2.28 -6.84
C ILE B 34 -19.21 2.07 -8.37
N ARG B 35 -20.12 1.18 -8.76
CA ARG B 35 -20.40 0.86 -10.15
C ARG B 35 -21.03 2.04 -10.91
N THR B 36 -21.38 3.09 -10.20
CA THR B 36 -22.08 4.21 -10.79
C THR B 36 -21.16 5.37 -11.08
N PHE B 37 -19.84 5.17 -10.95
CA PHE B 37 -18.93 6.27 -11.18
C PHE B 37 -17.97 5.96 -12.31
N ALA B 38 -17.43 7.02 -12.90
CA ALA B 38 -16.39 6.97 -13.88
C ALA B 38 -15.16 7.77 -13.41
N VAL B 39 -13.95 7.25 -13.60
CA VAL B 39 -12.71 7.94 -13.21
C VAL B 39 -11.82 7.95 -14.42
N ALA B 40 -11.28 9.10 -14.74
CA ALA B 40 -10.25 9.20 -15.78
C ALA B 40 -8.89 9.11 -15.13
N ILE B 41 -7.98 8.37 -15.75
CA ILE B 41 -6.65 8.23 -15.22
C ILE B 41 -5.73 8.58 -16.34
N VAL B 42 -4.83 9.53 -16.08
CA VAL B 42 -3.86 9.93 -17.09
C VAL B 42 -2.52 9.39 -16.66
N GLY B 43 -1.87 8.62 -17.51
CA GLY B 43 -0.62 7.99 -17.12
C GLY B 43 -0.94 6.59 -16.63
N VAL B 44 -0.51 5.62 -17.40
CA VAL B 44 -0.95 4.26 -17.19
C VAL B 44 0.29 3.43 -16.86
N GLY B 45 1.37 4.12 -16.55
CA GLY B 45 2.58 3.45 -16.08
C GLY B 45 2.73 3.69 -14.61
N GLY B 46 3.59 2.90 -13.99
CA GLY B 46 3.89 2.97 -12.58
C GLY B 46 2.72 3.04 -11.62
N VAL B 47 2.55 4.21 -11.01
CA VAL B 47 1.46 4.37 -10.04
C VAL B 47 0.12 4.27 -10.75
N GLY B 48 0.09 4.61 -12.04
CA GLY B 48 -1.16 4.60 -12.81
C GLY B 48 -1.66 3.18 -13.06
N SER B 49 -0.76 2.25 -13.36
CA SER B 49 -1.24 0.87 -13.57
C SER B 49 -1.73 0.23 -12.28
N VAL B 50 -1.04 0.49 -11.16
CA VAL B 50 -1.50 -0.08 -9.90
C VAL B 50 -2.88 0.52 -9.55
N THR B 51 -2.99 1.84 -9.66
CA THR B 51 -4.24 2.52 -9.41
C THR B 51 -5.37 2.01 -10.32
N ALA B 52 -5.08 1.83 -11.61
CA ALA B 52 -6.09 1.35 -12.56
C ALA B 52 -6.56 -0.05 -12.14
N GLU B 53 -5.60 -0.89 -11.78
CA GLU B 53 -5.89 -2.26 -11.37
C GLU B 53 -6.71 -2.37 -10.06
N MET B 54 -6.34 -1.56 -9.06
CA MET B 54 -7.11 -1.53 -7.80
C MET B 54 -8.52 -1.06 -8.03
N LEU B 55 -8.70 -0.01 -8.83
CA LEU B 55 -10.06 0.51 -9.10
C LEU B 55 -10.89 -0.49 -9.90
N THR B 56 -10.23 -1.22 -10.78
CA THR B 56 -10.89 -2.28 -11.57
C THR B 56 -11.34 -3.40 -10.62
N ARG B 57 -10.44 -3.80 -9.72
CA ARG B 57 -10.76 -4.86 -8.78
C ARG B 57 -11.90 -4.42 -7.85
N CYS B 58 -12.01 -3.13 -7.57
CA CYS B 58 -13.15 -2.64 -6.77
C CYS B 58 -14.47 -2.59 -7.54
N GLY B 59 -14.45 -2.76 -8.85
CA GLY B 59 -15.68 -2.62 -9.67
C GLY B 59 -16.16 -1.20 -9.94
N ILE B 60 -15.23 -0.27 -10.17
CA ILE B 60 -15.56 1.09 -10.58
C ILE B 60 -16.35 0.95 -11.90
N GLY B 61 -17.35 1.81 -12.12
CA GLY B 61 -18.24 1.65 -13.27
C GLY B 61 -17.47 1.78 -14.58
N LYS B 62 -16.65 2.81 -14.64
CA LYS B 62 -15.90 3.13 -15.84
C LYS B 62 -14.56 3.75 -15.53
N LEU B 63 -13.57 3.35 -16.30
CA LEU B 63 -12.24 3.93 -16.27
C LEU B 63 -11.94 4.51 -17.66
N LEU B 64 -11.50 5.76 -17.71
CA LEU B 64 -10.95 6.31 -18.95
C LEU B 64 -9.44 6.43 -18.84
N LEU B 65 -8.75 5.89 -19.82
CA LEU B 65 -7.30 5.82 -19.74
C LEU B 65 -6.66 6.71 -20.79
N PHE B 66 -5.77 7.61 -20.35
CA PHE B 66 -4.99 8.45 -21.27
C PHE B 66 -3.51 8.22 -21.02
N ASP B 67 -2.79 7.89 -22.07
CA ASP B 67 -1.33 7.92 -22.07
C ASP B 67 -0.90 8.18 -23.50
N TYR B 68 0.39 8.46 -23.70
N TYR B 68 0.37 8.52 -23.71
CA TYR B 68 0.96 8.68 -25.04
CA TYR B 68 0.88 8.56 -25.05
C TYR B 68 2.26 7.89 -25.20
C TYR B 68 2.24 7.89 -25.21
N ASP B 69 2.22 6.84 -26.02
CA ASP B 69 3.40 6.01 -26.35
C ASP B 69 4.62 6.84 -26.79
N LEU B 88 -0.70 -3.36 -30.40
CA LEU B 88 -1.42 -2.59 -29.40
C LEU B 88 -0.54 -1.52 -28.73
N SER B 89 -1.15 -0.37 -28.47
CA SER B 89 -0.56 0.70 -27.66
C SER B 89 -0.68 0.42 -26.17
N LYS B 90 0.01 1.24 -25.39
CA LYS B 90 0.05 1.10 -23.95
C LYS B 90 -1.34 1.08 -23.31
N VAL B 91 -2.18 2.04 -23.66
CA VAL B 91 -3.52 2.10 -23.11
C VAL B 91 -4.41 0.93 -23.55
N GLN B 92 -4.31 0.51 -24.81
CA GLN B 92 -5.16 -0.59 -25.25
C GLN B 92 -4.66 -1.91 -24.66
N ALA B 93 -3.35 -1.97 -24.39
CA ALA B 93 -2.78 -3.09 -23.65
C ALA B 93 -3.30 -3.14 -22.21
N ALA B 94 -3.31 -1.99 -21.55
CA ALA B 94 -3.79 -1.91 -20.16
C ALA B 94 -5.27 -2.32 -20.11
N GLU B 95 -6.05 -1.76 -21.02
CA GLU B 95 -7.48 -2.04 -21.11
C GLU B 95 -7.72 -3.55 -21.19
N HIS B 96 -6.95 -4.23 -22.03
CA HIS B 96 -7.03 -5.68 -22.24
C HIS B 96 -6.77 -6.42 -20.93
N THR B 97 -5.65 -6.13 -20.30
CA THR B 97 -5.33 -6.76 -19.02
C THR B 97 -6.42 -6.48 -17.99
N LEU B 98 -6.85 -5.23 -17.91
CA LEU B 98 -7.81 -4.80 -16.90
C LEU B 98 -9.18 -5.45 -17.10
N ARG B 99 -9.66 -5.48 -18.33
CA ARG B 99 -10.92 -6.14 -18.62
C ARG B 99 -10.91 -7.65 -18.26
N ASN B 100 -9.79 -8.32 -18.48
CA ASN B 100 -9.59 -9.69 -17.96
C ASN B 100 -9.77 -9.79 -16.43
N ILE B 101 -9.18 -8.85 -15.71
CA ILE B 101 -9.27 -8.81 -14.25
C ILE B 101 -10.73 -8.63 -13.77
N ASN B 102 -11.43 -7.63 -14.30
CA ASN B 102 -12.83 -7.42 -13.95
C ASN B 102 -13.66 -6.93 -15.14
N PRO B 103 -14.33 -7.88 -15.83
CA PRO B 103 -15.16 -7.59 -17.00
C PRO B 103 -16.40 -6.74 -16.70
N ASP B 104 -16.72 -6.49 -15.43
CA ASP B 104 -17.81 -5.56 -15.09
C ASP B 104 -17.47 -4.10 -15.41
N VAL B 105 -16.17 -3.79 -15.47
CA VAL B 105 -15.72 -2.41 -15.64
C VAL B 105 -15.69 -2.03 -17.12
N LEU B 106 -16.23 -0.85 -17.41
CA LEU B 106 -16.21 -0.29 -18.76
C LEU B 106 -14.97 0.54 -18.98
N PHE B 107 -14.42 0.49 -20.19
CA PHE B 107 -13.22 1.28 -20.53
C PHE B 107 -13.41 2.12 -21.80
N GLU B 108 -12.74 3.27 -21.80
CA GLU B 108 -12.55 4.13 -22.96
C GLU B 108 -11.08 4.58 -22.89
N VAL B 109 -10.33 4.47 -23.97
CA VAL B 109 -8.90 4.74 -23.96
C VAL B 109 -8.50 5.71 -25.07
N HIS B 110 -7.48 6.52 -24.79
CA HIS B 110 -6.95 7.44 -25.80
C HIS B 110 -5.44 7.50 -25.76
N ASN B 111 -4.84 7.55 -26.92
CA ASN B 111 -3.40 7.50 -27.04
C ASN B 111 -2.75 8.83 -27.45
N TYR B 112 -3.50 9.92 -27.47
CA TYR B 112 -2.93 11.19 -27.97
C TYR B 112 -2.21 12.04 -26.92
N ASN B 113 -1.25 12.82 -27.40
CA ASN B 113 -0.51 13.77 -26.59
C ASN B 113 -1.39 14.97 -26.25
N ILE B 114 -1.92 15.00 -25.02
CA ILE B 114 -2.87 16.03 -24.64
C ILE B 114 -2.24 17.40 -24.40
N THR B 115 -0.92 17.54 -24.59
CA THR B 115 -0.27 18.83 -24.42
C THR B 115 -0.31 19.77 -25.66
N THR B 116 -0.81 19.27 -26.79
CA THR B 116 -1.08 20.14 -27.91
C THR B 116 -2.50 20.64 -27.68
N VAL B 117 -2.82 21.84 -28.15
CA VAL B 117 -4.19 22.42 -27.92
C VAL B 117 -5.25 21.61 -28.63
N GLU B 118 -4.91 21.07 -29.79
CA GLU B 118 -5.86 20.24 -30.51
C GLU B 118 -6.26 19.02 -29.65
N ASN B 119 -5.29 18.31 -29.11
CA ASN B 119 -5.60 17.10 -28.33
C ASN B 119 -6.22 17.43 -26.98
N PHE B 120 -5.82 18.58 -26.46
CA PHE B 120 -6.34 19.14 -25.21
C PHE B 120 -7.84 19.40 -25.31
N GLN B 121 -8.28 19.89 -26.46
CA GLN B 121 -9.72 20.03 -26.75
C GLN B 121 -10.46 18.70 -26.55
N HIS B 122 -9.90 17.64 -27.16
CA HIS B 122 -10.46 16.29 -27.07
C HIS B 122 -10.46 15.79 -25.63
N PHE B 123 -9.39 16.09 -24.90
CA PHE B 123 -9.23 15.66 -23.52
C PHE B 123 -10.34 16.29 -22.68
N MET B 124 -10.54 17.61 -22.84
CA MET B 124 -11.62 18.29 -22.13
C MET B 124 -13.01 17.77 -22.49
N ASP B 125 -13.19 17.48 -23.77
CA ASP B 125 -14.44 16.90 -24.25
C ASP B 125 -14.75 15.59 -23.50
N ARG B 126 -13.73 14.75 -23.34
CA ARG B 126 -13.95 13.45 -22.67
C ARG B 126 -14.15 13.55 -21.16
N ILE B 127 -13.45 14.50 -20.53
CA ILE B 127 -13.69 14.80 -19.12
C ILE B 127 -15.12 15.26 -18.90
N SER B 128 -15.61 16.16 -19.78
CA SER B 128 -16.96 16.72 -19.65
C SER B 128 -18.06 15.77 -20.07
N ASN B 129 -17.80 14.93 -21.08
CA ASN B 129 -18.84 14.05 -21.63
C ASN B 129 -18.66 12.55 -21.48
N GLY B 130 -17.50 12.14 -20.97
CA GLY B 130 -17.18 10.70 -20.91
C GLY B 130 -17.59 9.95 -19.66
N GLY B 131 -18.51 10.53 -18.90
CA GLY B 131 -19.01 9.87 -17.69
C GLY B 131 -19.72 8.58 -18.05
N LEU B 132 -20.14 7.84 -17.03
CA LEU B 132 -20.76 6.54 -17.25
C LEU B 132 -21.82 6.65 -18.34
N GLU B 133 -22.68 7.66 -18.22
CA GLU B 133 -23.64 8.03 -19.27
C GLU B 133 -23.04 9.14 -20.13
N GLU B 134 -22.90 8.90 -21.44
CA GLU B 134 -22.38 9.89 -22.37
C GLU B 134 -22.96 11.25 -22.07
N GLY B 135 -22.12 12.27 -22.12
CA GLY B 135 -22.61 13.63 -21.99
C GLY B 135 -22.62 14.10 -20.56
N LYS B 136 -22.32 13.20 -19.61
CA LYS B 136 -22.10 13.60 -18.20
C LYS B 136 -20.62 13.56 -17.87
N PRO B 137 -20.17 14.43 -16.95
CA PRO B 137 -18.73 14.43 -16.65
C PRO B 137 -18.25 13.20 -15.87
N VAL B 138 -16.98 12.86 -16.02
CA VAL B 138 -16.35 11.90 -15.14
C VAL B 138 -16.45 12.45 -13.70
N ASP B 139 -16.44 11.54 -12.72
CA ASP B 139 -16.53 11.98 -11.33
C ASP B 139 -15.18 12.45 -10.80
N LEU B 140 -14.08 11.95 -11.37
CA LEU B 140 -12.75 12.32 -10.91
C LEU B 140 -11.75 12.12 -11.98
N VAL B 141 -10.74 13.00 -12.01
CA VAL B 141 -9.58 12.83 -12.87
C VAL B 141 -8.41 12.51 -11.95
N LEU B 142 -7.58 11.55 -12.37
CA LEU B 142 -6.40 11.14 -11.60
C LEU B 142 -5.19 11.37 -12.48
N SER B 143 -4.24 12.14 -11.94
CA SER B 143 -2.99 12.37 -12.63
C SER B 143 -1.94 11.42 -12.04
N CYS B 144 -1.49 10.47 -12.85
CA CYS B 144 -0.47 9.49 -12.47
C CYS B 144 0.68 9.56 -13.44
N VAL B 145 1.00 10.78 -13.80
CA VAL B 145 1.94 11.10 -14.83
C VAL B 145 3.21 11.48 -14.10
N ASP B 146 4.35 11.33 -14.75
CA ASP B 146 5.64 11.64 -14.18
C ASP B 146 6.34 12.86 -14.82
N ASN B 147 5.59 13.77 -15.47
CA ASN B 147 6.20 15.01 -15.91
C ASN B 147 5.40 16.25 -15.70
N PHE B 148 6.12 17.34 -15.52
CA PHE B 148 5.56 18.64 -15.22
C PHE B 148 4.55 19.08 -16.28
N GLU B 149 4.94 19.06 -17.56
CA GLU B 149 4.06 19.56 -18.66
C GLU B 149 2.68 18.90 -18.69
N ALA B 150 2.63 17.56 -18.69
CA ALA B 150 1.37 16.81 -18.60
C ALA B 150 0.54 17.18 -17.37
N ARG B 151 1.22 17.32 -16.22
CA ARG B 151 0.56 17.62 -14.98
C ARG B 151 -0.07 18.97 -15.04
N MET B 152 0.69 19.94 -15.55
CA MET B 152 0.21 21.29 -15.66
C MET B 152 -0.90 21.36 -16.73
N THR B 153 -0.74 20.58 -17.78
CA THR B 153 -1.79 20.42 -18.80
C THR B 153 -3.10 19.96 -18.17
N ILE B 154 -3.08 18.90 -17.37
CA ILE B 154 -4.29 18.43 -16.62
C ILE B 154 -4.85 19.53 -15.70
N ASN B 155 -3.97 20.21 -14.96
CA ASN B 155 -4.39 21.33 -14.13
C ASN B 155 -5.13 22.40 -14.95
N THR B 156 -4.51 22.82 -16.05
CA THR B 156 -5.22 23.74 -16.96
C THR B 156 -6.61 23.23 -17.42
N ALA B 157 -6.74 21.94 -17.74
CA ALA B 157 -8.06 21.46 -18.18
C ALA B 157 -9.05 21.57 -17.03
N CYS B 158 -8.62 21.11 -15.85
CA CYS B 158 -9.50 21.02 -14.70
C CYS B 158 -9.93 22.38 -14.21
N ASN B 159 -8.99 23.34 -14.17
CA ASN B 159 -9.38 24.75 -13.93
C ASN B 159 -10.41 25.23 -14.96
N GLU B 160 -10.17 24.96 -16.25
CA GLU B 160 -11.17 25.35 -17.27
C GLU B 160 -12.57 24.79 -17.01
N LEU B 161 -12.64 23.53 -16.58
CA LEU B 161 -13.91 22.83 -16.46
C LEU B 161 -14.55 22.89 -15.08
N GLY B 162 -13.79 23.32 -14.07
CA GLY B 162 -14.25 23.23 -12.67
C GLY B 162 -14.32 21.75 -12.28
N GLN B 163 -13.31 21.00 -12.69
CA GLN B 163 -13.32 19.58 -12.40
C GLN B 163 -12.39 19.24 -11.23
N THR B 164 -12.92 18.58 -10.22
CA THR B 164 -12.10 18.05 -9.12
C THR B 164 -11.18 16.92 -9.62
N TRP B 165 -9.95 16.94 -9.18
CA TRP B 165 -8.98 15.91 -9.54
C TRP B 165 -8.00 15.65 -8.42
N MET B 166 -7.23 14.56 -8.58
CA MET B 166 -6.16 14.23 -7.66
C MET B 166 -4.88 14.03 -8.43
N GLU B 167 -3.74 14.54 -7.90
CA GLU B 167 -2.45 14.29 -8.56
C GLU B 167 -1.49 13.57 -7.67
N SER B 168 -0.67 12.71 -8.28
CA SER B 168 0.12 11.78 -7.48
C SER B 168 1.49 11.73 -8.08
N GLY B 169 2.46 11.32 -7.31
CA GLY B 169 3.81 11.21 -7.89
C GLY B 169 4.64 10.37 -6.97
N VAL B 170 5.75 9.89 -7.49
CA VAL B 170 6.71 9.08 -6.74
C VAL B 170 8.06 9.53 -7.25
N SER B 171 9.05 9.66 -6.37
CA SER B 171 10.40 10.05 -6.84
C SER B 171 11.05 8.96 -7.68
N GLU B 172 11.93 9.37 -8.58
CA GLU B 172 12.83 8.46 -9.31
C GLU B 172 13.60 7.55 -8.36
N ASN B 173 14.07 8.15 -7.28
CA ASN B 173 14.85 7.46 -6.22
C ASN B 173 14.00 6.49 -5.36
N ALA B 174 12.68 6.65 -5.42
CA ALA B 174 11.72 5.77 -4.70
C ALA B 174 11.58 6.05 -3.20
N VAL B 175 12.17 7.15 -2.73
CA VAL B 175 12.23 7.41 -1.30
C VAL B 175 11.01 8.20 -0.82
N SER B 176 10.25 8.74 -1.76
CA SER B 176 9.10 9.53 -1.43
C SER B 176 8.04 9.56 -2.54
N GLY B 177 6.84 9.95 -2.18
CA GLY B 177 5.72 10.11 -3.09
C GLY B 177 4.64 10.90 -2.37
N HIS B 178 3.55 11.19 -3.07
CA HIS B 178 2.46 11.95 -2.48
C HIS B 178 1.20 11.81 -3.31
N ILE B 179 0.09 12.17 -2.71
CA ILE B 179 -1.12 12.41 -3.45
C ILE B 179 -1.63 13.81 -3.04
N GLN B 180 -2.43 14.45 -3.90
CA GLN B 180 -3.12 15.67 -3.51
C GLN B 180 -4.46 15.86 -4.19
N LEU B 181 -5.44 16.27 -3.42
CA LEU B 181 -6.70 16.64 -3.96
C LEU B 181 -6.64 18.12 -4.38
N ILE B 182 -7.20 18.40 -5.56
CA ILE B 182 -7.43 19.74 -6.04
C ILE B 182 -8.91 19.97 -6.40
N ILE B 183 -9.52 20.97 -5.76
CA ILE B 183 -10.87 21.43 -6.05
C ILE B 183 -10.76 22.85 -6.62
N PRO B 184 -10.75 22.97 -7.97
CA PRO B 184 -10.49 24.29 -8.57
C PRO B 184 -11.38 25.36 -7.98
N GLY B 185 -10.76 26.44 -7.48
CA GLY B 185 -11.50 27.52 -6.89
C GLY B 185 -11.66 27.42 -5.39
N GLU B 186 -11.41 26.23 -4.83
CA GLU B 186 -11.58 26.03 -3.41
C GLU B 186 -10.27 25.66 -2.68
N SER B 187 -9.35 25.04 -3.40
CA SER B 187 -8.07 24.69 -2.82
C SER B 187 -6.97 25.00 -3.84
N ALA B 188 -5.72 25.01 -3.40
CA ALA B 188 -4.59 25.34 -4.27
C ALA B 188 -4.54 24.45 -5.49
N CYS B 189 -4.46 25.03 -6.69
CA CYS B 189 -4.29 24.18 -7.90
C CYS B 189 -2.80 23.96 -8.11
N PHE B 190 -2.44 23.19 -9.14
CA PHE B 190 -1.04 22.86 -9.38
C PHE B 190 -0.18 24.12 -9.74
N ALA B 191 -0.84 25.18 -10.21
CA ALA B 191 -0.16 26.39 -10.61
C ALA B 191 -0.16 27.41 -9.48
N CYS B 192 -0.99 27.23 -8.45
CA CYS B 192 -1.05 28.20 -7.37
C CYS B 192 0.31 28.36 -6.63
N ALA B 193 1.00 27.24 -6.41
CA ALA B 193 2.29 27.25 -5.71
C ALA B 193 3.05 26.02 -6.18
N PRO B 194 4.40 26.04 -6.14
CA PRO B 194 5.15 24.83 -6.46
C PRO B 194 5.12 23.90 -5.22
N PRO B 195 5.62 22.67 -5.33
CA PRO B 195 5.69 21.80 -4.16
C PRO B 195 6.78 22.23 -3.18
N LEU B 196 6.44 22.43 -1.91
CA LEU B 196 7.43 22.87 -0.93
C LEU B 196 7.70 21.92 0.24
N VAL B 197 6.92 20.85 0.34
CA VAL B 197 7.05 19.95 1.49
C VAL B 197 8.33 19.13 1.41
N VAL B 198 9.19 19.25 2.42
CA VAL B 198 10.51 18.68 2.30
C VAL B 198 10.48 17.20 2.63
N ALA B 199 11.40 16.48 1.98
CA ALA B 199 11.64 15.07 2.28
C ALA B 199 12.80 15.03 3.29
N ALA B 200 12.44 14.90 4.57
CA ALA B 200 13.42 14.87 5.65
C ALA B 200 14.36 13.67 5.43
N ASN B 201 15.62 13.95 5.04
CA ASN B 201 16.50 12.92 4.45
C ASN B 201 17.03 11.87 5.41
N ALA B 214 15.70 -0.10 -6.51
CA ALA B 214 15.15 -1.05 -7.47
C ALA B 214 14.08 -1.91 -6.85
N ALA B 215 14.27 -2.26 -5.58
CA ALA B 215 13.24 -2.96 -4.80
C ALA B 215 12.23 -1.96 -4.23
N SER B 216 12.77 -0.84 -3.76
CA SER B 216 12.00 0.18 -3.09
C SER B 216 10.96 0.83 -4.02
N LEU B 217 11.34 1.01 -5.28
CA LEU B 217 10.56 1.76 -6.26
C LEU B 217 9.14 1.23 -6.50
N PRO B 218 9.00 -0.08 -6.80
CA PRO B 218 7.67 -0.65 -6.96
C PRO B 218 6.91 -0.69 -5.65
N THR B 219 7.64 -0.72 -4.54
CA THR B 219 6.99 -0.75 -3.22
C THR B 219 6.36 0.63 -2.91
N THR B 220 7.14 1.67 -3.10
CA THR B 220 6.66 3.02 -2.88
C THR B 220 5.51 3.33 -3.82
N MET B 221 5.61 2.86 -5.08
CA MET B 221 4.50 3.03 -6.04
C MET B 221 3.23 2.35 -5.52
N GLY B 222 3.40 1.16 -4.89
CA GLY B 222 2.30 0.41 -4.31
C GLY B 222 1.61 1.17 -3.17
N VAL B 223 2.39 1.71 -2.24
CA VAL B 223 1.84 2.48 -1.13
C VAL B 223 1.09 3.71 -1.63
N VAL B 224 1.73 4.47 -2.51
CA VAL B 224 1.14 5.72 -3.01
C VAL B 224 -0.15 5.44 -3.80
N ALA B 225 -0.13 4.39 -4.60
CA ALA B 225 -1.31 3.98 -5.36
C ALA B 225 -2.45 3.56 -4.42
N GLY B 226 -2.14 2.78 -3.37
CA GLY B 226 -3.18 2.34 -2.42
C GLY B 226 -3.80 3.54 -1.68
N ILE B 227 -2.98 4.43 -1.18
CA ILE B 227 -3.44 5.64 -0.57
C ILE B 227 -4.28 6.50 -1.54
N LEU B 228 -3.85 6.61 -2.79
CA LEU B 228 -4.64 7.28 -3.81
C LEU B 228 -6.05 6.63 -3.96
N VAL B 229 -6.05 5.32 -4.16
CA VAL B 229 -7.31 4.62 -4.37
C VAL B 229 -8.21 4.80 -3.17
N GLN B 230 -7.63 4.66 -1.98
CA GLN B 230 -8.41 4.83 -0.75
C GLN B 230 -9.11 6.20 -0.72
N ASN B 231 -8.36 7.24 -1.06
CA ASN B 231 -8.91 8.57 -1.12
C ASN B 231 -9.96 8.75 -2.23
N VAL B 232 -9.74 8.11 -3.39
CA VAL B 232 -10.77 8.06 -4.43
C VAL B 232 -12.06 7.42 -3.86
N LEU B 233 -11.92 6.30 -3.16
CA LEU B 233 -13.11 5.66 -2.60
C LEU B 233 -13.80 6.57 -1.58
N LYS B 234 -13.03 7.19 -0.70
CA LYS B 234 -13.61 8.09 0.30
C LYS B 234 -14.33 9.27 -0.36
N PHE B 235 -13.71 9.83 -1.41
CA PHE B 235 -14.35 10.92 -2.21
C PHE B 235 -15.64 10.43 -2.91
N LEU B 236 -15.59 9.30 -3.61
CA LEU B 236 -16.79 8.85 -4.38
C LEU B 236 -17.94 8.40 -3.47
N LEU B 237 -17.59 7.74 -2.38
CA LEU B 237 -18.59 7.08 -1.54
C LEU B 237 -18.97 7.89 -0.31
N ASN B 238 -18.28 9.00 -0.08
CA ASN B 238 -18.62 9.92 1.00
C ASN B 238 -18.49 9.30 2.41
N PHE B 239 -17.31 8.76 2.73
CA PHE B 239 -17.03 8.30 4.08
C PHE B 239 -15.67 8.79 4.48
N GLY B 240 -15.39 8.79 5.79
CA GLY B 240 -14.10 9.25 6.29
C GLY B 240 -13.77 10.64 5.81
N THR B 241 -12.47 10.97 5.81
CA THR B 241 -12.02 12.29 5.39
C THR B 241 -11.04 12.18 4.23
N VAL B 242 -11.31 12.91 3.16
CA VAL B 242 -10.40 13.00 2.03
C VAL B 242 -9.24 13.89 2.41
N SER B 243 -8.03 13.42 2.13
CA SER B 243 -6.85 14.24 2.29
C SER B 243 -6.72 15.23 1.15
N PHE B 244 -6.27 16.45 1.46
CA PHE B 244 -5.91 17.43 0.43
C PHE B 244 -4.49 17.29 -0.06
N TYR B 245 -3.57 17.06 0.85
CA TYR B 245 -2.21 16.74 0.49
C TYR B 245 -1.79 15.65 1.46
N LEU B 246 -1.29 14.52 0.93
CA LEU B 246 -0.75 13.44 1.78
C LEU B 246 0.56 12.98 1.18
N GLY B 247 1.63 13.23 1.93
CA GLY B 247 2.97 12.88 1.50
C GLY B 247 3.45 11.59 2.15
N TYR B 248 4.44 10.97 1.53
CA TYR B 248 4.98 9.72 2.02
C TYR B 248 6.50 9.75 1.93
N ASN B 249 7.13 9.73 3.10
CA ASN B 249 8.57 9.60 3.19
C ASN B 249 8.86 8.16 3.57
N ALA B 250 9.29 7.42 2.55
CA ALA B 250 9.59 6.00 2.67
C ALA B 250 10.79 5.65 3.57
N MET B 251 11.74 6.55 3.75
CA MET B 251 12.91 6.26 4.60
C MET B 251 12.57 6.41 6.08
N GLN B 252 11.70 7.34 6.39
CA GLN B 252 11.36 7.63 7.77
C GLN B 252 9.97 7.17 8.18
N ASP B 253 9.15 6.71 7.24
CA ASP B 253 7.75 6.45 7.55
C ASP B 253 7.04 7.71 8.07
N PHE B 254 7.33 8.85 7.45
CA PHE B 254 6.59 10.09 7.68
C PHE B 254 5.51 10.26 6.63
N PHE B 255 4.36 10.75 7.07
CA PHE B 255 3.21 10.99 6.21
C PHE B 255 2.69 12.41 6.44
N PRO B 256 3.49 13.43 6.05
CA PRO B 256 3.08 14.83 6.23
C PRO B 256 1.80 15.12 5.47
N THR B 257 0.96 15.91 6.08
CA THR B 257 -0.35 16.16 5.53
C THR B 257 -0.68 17.63 5.73
N MET B 258 -1.48 18.19 4.83
CA MET B 258 -1.93 19.58 4.99
C MET B 258 -2.96 19.87 3.92
N SER B 259 -3.41 21.11 3.90
CA SER B 259 -4.19 21.62 2.81
C SER B 259 -3.86 23.11 2.65
N MET B 260 -4.11 23.61 1.47
CA MET B 260 -3.68 24.94 1.10
C MET B 260 -4.83 25.65 0.39
N LYS B 261 -5.08 26.90 0.78
CA LYS B 261 -6.01 27.79 0.08
C LYS B 261 -5.53 28.18 -1.30
N PRO B 262 -6.46 28.60 -2.19
CA PRO B 262 -5.99 29.02 -3.53
C PRO B 262 -5.16 30.29 -3.43
N ASN B 263 -4.22 30.47 -4.36
CA ASN B 263 -3.49 31.70 -4.60
C ASN B 263 -4.36 32.70 -5.39
N PRO B 264 -4.74 33.84 -4.78
CA PRO B 264 -5.56 34.85 -5.49
C PRO B 264 -4.88 35.42 -6.74
N GLN B 265 -3.54 35.37 -6.80
CA GLN B 265 -2.78 35.82 -7.97
C GLN B 265 -2.26 34.67 -8.86
N CYS B 266 -2.91 33.52 -8.82
CA CYS B 266 -2.44 32.37 -9.63
C CYS B 266 -2.30 32.75 -11.12
N ASP B 267 -1.26 32.24 -11.76
CA ASP B 267 -1.10 32.42 -13.20
C ASP B 267 -2.23 31.87 -14.03
N ASP B 268 -2.97 30.91 -13.47
CA ASP B 268 -3.97 30.23 -14.28
C ASP B 268 -5.28 30.98 -14.15
N ARG B 269 -5.64 31.66 -15.23
CA ARG B 269 -6.73 32.63 -15.16
C ARG B 269 -8.08 31.98 -14.87
N ASN B 270 -8.19 30.69 -15.20
CA ASN B 270 -9.38 29.93 -14.83
C ASN B 270 -9.43 29.53 -13.31
N CYS B 271 -8.24 29.29 -12.74
CA CYS B 271 -8.15 29.10 -11.27
C CYS B 271 -8.72 30.37 -10.65
N ARG B 272 -8.20 31.52 -11.11
CA ARG B 272 -8.71 32.82 -10.64
C ARG B 272 -10.23 32.93 -10.83
N LYS B 273 -10.71 32.62 -12.04
CA LYS B 273 -12.13 32.60 -12.30
C LYS B 273 -12.94 31.72 -11.35
N GLN B 274 -12.55 30.44 -11.20
CA GLN B 274 -13.18 29.53 -10.24
C GLN B 274 -13.20 30.06 -8.79
N GLN B 275 -12.11 30.67 -8.33
CA GLN B 275 -12.07 31.26 -6.99
C GLN B 275 -13.18 32.29 -6.79
N GLU B 276 -13.34 33.15 -7.79
CA GLU B 276 -14.38 34.20 -7.74
C GLU B 276 -15.76 33.55 -7.71
N GLU B 277 -15.97 32.57 -8.58
CA GLU B 277 -17.23 31.85 -8.59
C GLU B 277 -17.50 31.18 -7.26
N TYR B 278 -16.44 30.65 -6.64
CA TYR B 278 -16.57 29.96 -5.36
C TYR B 278 -16.89 30.95 -4.25
N LYS B 279 -16.17 32.06 -4.23
CA LYS B 279 -16.42 33.08 -3.22
C LYS B 279 -17.85 33.57 -3.34
N LYS B 280 -18.27 33.84 -4.58
CA LYS B 280 -19.61 34.35 -4.87
C LYS B 280 -20.75 33.57 -4.22
N LYS B 281 -20.58 32.26 -4.07
CA LYS B 281 -21.59 31.44 -3.39
C LYS B 281 -21.69 31.81 -1.91
N VAL B 282 -22.58 32.77 -1.65
CA VAL B 282 -22.85 33.31 -0.31
C VAL B 282 -24.36 33.52 -0.14
#